data_5XFQ
#
_entry.id   5XFQ
#
_cell.length_a   141.243
_cell.length_b   62.550
_cell.length_c   97.338
_cell.angle_alpha   90.00
_cell.angle_beta   103.04
_cell.angle_gamma   90.00
#
_symmetry.space_group_name_H-M   'C 1 2 1'
#
loop_
_entity.id
_entity.type
_entity.pdbx_description
1 polymer 'PHD finger protein 1'
2 polymer "DNA (5'-D(*GP*GP*GP*CP*GP*GP*CP*CP*GP*CP*CP*CP*T)-3')"
3 polymer 'Peptide from Histone H3'
4 non-polymer 'ZINC ION'
5 water water
#
loop_
_entity_poly.entity_id
_entity_poly.type
_entity_poly.pdbx_seq_one_letter_code
_entity_poly.pdbx_strand_id
1 'polypeptide(L)'
;SGPRPRLWEGQDVLARWTDGLLYLGTIKKVDSAREVCLVQFEDDSQFLVLWKDISPAALPGEELLCCVCRSETVVPGNRL
VSCEKCRHAYHQDCHVPRAPAPGEGEGASWVCRQCVFAIATKRGGALKKGPYARAMLGMKLSLPYGLKGLDWDAGHLSNR
QQSYCYCGGPGEWNLKMLQCRSCLQWFHEACTQCLSKPLLYGDRFYEFECCVCRGGPEKVRRLQLRWVDVAHLVLYHLSV
CCKKKYFDFDREILPFTSENWDSLLLGELSDTPKGERSSQLLSALNSHKDRFISGREIKKRKCLFGLHARTPPPVELLTG
DGAPTSFPSGQGPGGG
;
A,B
2 'polydeoxyribonucleotide' (DG)(DG)(DG)(DC)(DG)(DG)(DC)(DC)(DG)(DC)(DC)(DC)(DT) C,D
3 'polypeptide(L)' APATGGV(M3L)KPHRY E,F
#
# COMPACT_ATOMS: atom_id res chain seq x y z
N ARG A 4 -17.61 5.92 5.43
CA ARG A 4 -16.83 5.02 4.58
C ARG A 4 -16.18 5.71 3.38
N PRO A 5 -16.92 6.57 2.65
CA PRO A 5 -16.23 7.26 1.54
C PRO A 5 -15.13 8.21 2.03
N ARG A 6 -13.99 8.22 1.34
CA ARG A 6 -12.84 9.01 1.78
C ARG A 6 -12.64 10.27 0.97
N LEU A 7 -12.84 10.19 -0.34
CA LEU A 7 -12.65 11.34 -1.22
C LEU A 7 -13.91 11.65 -2.02
N TRP A 8 -14.35 12.89 -1.95
CA TRP A 8 -15.53 13.33 -2.70
C TRP A 8 -15.30 14.67 -3.39
N GLU A 9 -16.18 15.01 -4.32
CA GLU A 9 -16.05 16.23 -5.10
C GLU A 9 -16.23 17.49 -4.27
N GLY A 10 -15.37 18.47 -4.47
CA GLY A 10 -15.45 19.74 -3.78
C GLY A 10 -14.73 19.72 -2.44
N GLN A 11 -14.01 18.63 -2.18
CA GLN A 11 -13.30 18.46 -0.93
C GLN A 11 -11.93 19.13 -0.95
N ASP A 12 -11.66 19.95 0.06
CA ASP A 12 -10.33 20.55 0.21
C ASP A 12 -9.34 19.44 0.54
N VAL A 13 -8.17 19.49 -0.11
CA VAL A 13 -7.28 18.34 -0.12
C VAL A 13 -5.80 18.71 -0.28
N LEU A 14 -4.93 17.92 0.34
CA LEU A 14 -3.49 18.03 0.13
C LEU A 14 -3.03 17.01 -0.90
N ALA A 15 -2.24 17.46 -1.88
CA ALA A 15 -1.78 16.58 -2.94
C ALA A 15 -0.26 16.54 -3.04
N ARG A 16 0.30 15.33 -3.05
CA ARG A 16 1.72 15.14 -3.21
C ARG A 16 2.11 15.25 -4.68
N TRP A 17 3.07 16.11 -4.98
CA TRP A 17 3.50 16.31 -6.37
C TRP A 17 4.77 15.52 -6.65
N THR A 18 5.22 15.57 -7.90
CA THR A 18 6.40 14.81 -8.33
C THR A 18 7.70 15.31 -7.70
N ASP A 19 7.63 16.41 -6.96
CA ASP A 19 8.78 16.90 -6.21
C ASP A 19 8.76 16.37 -4.78
N GLY A 20 7.68 15.66 -4.44
CA GLY A 20 7.50 15.11 -3.10
C GLY A 20 6.94 16.12 -2.12
N LEU A 21 6.44 17.23 -2.65
CA LEU A 21 5.89 18.29 -1.82
C LEU A 21 4.36 18.27 -1.83
N LEU A 22 3.76 18.79 -0.77
CA LEU A 22 2.31 18.80 -0.63
C LEU A 22 1.72 20.16 -0.99
N TYR A 23 0.71 20.15 -1.85
CA TYR A 23 0.05 21.38 -2.29
C TYR A 23 -1.44 21.35 -1.98
N LEU A 24 -1.94 22.44 -1.40
CA LEU A 24 -3.36 22.55 -1.08
C LEU A 24 -4.19 22.71 -2.33
N GLY A 25 -5.24 21.89 -2.45
CA GLY A 25 -6.09 21.92 -3.63
C GLY A 25 -7.53 21.53 -3.35
N THR A 26 -8.31 21.36 -4.41
CA THR A 26 -9.71 20.98 -4.30
C THR A 26 -10.08 19.98 -5.38
N ILE A 27 -10.70 18.86 -4.98
CA ILE A 27 -11.11 17.83 -5.92
C ILE A 27 -12.29 18.31 -6.75
N LYS A 28 -12.20 18.14 -8.07
CA LYS A 28 -13.25 18.55 -8.98
C LYS A 28 -14.03 17.35 -9.50
N LYS A 29 -13.30 16.27 -9.81
CA LYS A 29 -13.90 15.04 -10.31
C LYS A 29 -13.20 13.82 -9.73
N VAL A 30 -13.98 12.81 -9.35
CA VAL A 30 -13.42 11.58 -8.82
C VAL A 30 -13.57 10.44 -9.82
N ASP A 31 -12.46 9.99 -10.37
CA ASP A 31 -12.46 8.87 -11.31
C ASP A 31 -12.25 7.56 -10.57
N SER A 32 -13.34 6.89 -10.23
CA SER A 32 -13.27 5.64 -9.47
C SER A 32 -12.62 4.52 -10.28
N ALA A 33 -12.67 4.64 -11.60
CA ALA A 33 -12.11 3.63 -12.48
C ALA A 33 -10.58 3.69 -12.47
N ARG A 34 -10.04 4.90 -12.51
CA ARG A 34 -8.59 5.09 -12.54
C ARG A 34 -8.00 5.29 -11.15
N GLU A 35 -8.87 5.45 -10.16
CA GLU A 35 -8.49 5.81 -8.80
C GLU A 35 -7.66 7.09 -8.81
N VAL A 36 -8.12 8.06 -9.58
CA VAL A 36 -7.47 9.36 -9.72
C VAL A 36 -8.50 10.47 -9.55
N CYS A 37 -8.10 11.58 -8.94
CA CYS A 37 -8.98 12.74 -8.81
C CYS A 37 -8.42 13.94 -9.58
N LEU A 38 -9.31 14.77 -10.10
CA LEU A 38 -8.93 16.01 -10.74
C LEU A 38 -8.83 17.11 -9.69
N VAL A 39 -7.61 17.54 -9.39
CA VAL A 39 -7.38 18.51 -8.34
C VAL A 39 -7.07 19.89 -8.91
N GLN A 40 -7.73 20.92 -8.36
CA GLN A 40 -7.45 22.29 -8.73
C GLN A 40 -6.68 22.99 -7.62
N PHE A 41 -5.52 23.54 -7.96
CA PHE A 41 -4.65 24.16 -6.97
C PHE A 41 -4.83 25.67 -6.91
N GLU A 42 -4.03 26.34 -6.09
CA GLU A 42 -4.19 27.78 -5.84
C GLU A 42 -3.97 28.61 -7.09
N ASP A 43 -3.11 28.14 -7.99
CA ASP A 43 -2.85 28.82 -9.25
C ASP A 43 -3.91 28.46 -10.30
N ASP A 44 -5.01 27.88 -9.83
CA ASP A 44 -6.14 27.47 -10.66
C ASP A 44 -5.71 26.47 -11.73
N SER A 45 -4.60 25.78 -11.48
CA SER A 45 -4.12 24.74 -12.37
C SER A 45 -4.76 23.41 -12.01
N GLN A 46 -5.20 22.66 -13.03
CA GLN A 46 -5.85 21.38 -12.79
C GLN A 46 -5.00 20.21 -13.26
N PHE A 47 -4.84 19.23 -12.38
CA PHE A 47 -4.04 18.04 -12.69
C PHE A 47 -4.67 16.76 -12.14
N LEU A 48 -4.33 15.64 -12.77
CA LEU A 48 -4.76 14.33 -12.28
C LEU A 48 -3.80 13.84 -11.20
N VAL A 49 -4.36 13.55 -10.02
CA VAL A 49 -3.55 13.07 -8.91
C VAL A 49 -4.09 11.73 -8.42
N LEU A 50 -3.19 10.75 -8.28
CA LEU A 50 -3.55 9.44 -7.76
C LEU A 50 -4.14 9.54 -6.37
N TRP A 51 -5.03 8.61 -6.02
CA TRP A 51 -5.68 8.61 -4.72
C TRP A 51 -4.66 8.48 -3.59
N LYS A 52 -3.59 7.72 -3.83
CA LYS A 52 -2.58 7.47 -2.82
C LYS A 52 -1.84 8.76 -2.42
N ASP A 53 -1.85 9.74 -3.32
CA ASP A 53 -1.15 11.00 -3.10
C ASP A 53 -2.11 12.10 -2.68
N ILE A 54 -3.29 11.70 -2.23
CA ILE A 54 -4.31 12.66 -1.84
C ILE A 54 -4.76 12.46 -0.40
N SER A 55 -4.57 13.50 0.41
CA SER A 55 -5.05 13.50 1.79
C SER A 55 -6.05 14.63 2.00
N PRO A 56 -7.14 14.34 2.72
CA PRO A 56 -8.15 15.36 3.01
C PRO A 56 -7.58 16.48 3.87
N ALA A 57 -7.96 17.72 3.58
CA ALA A 57 -7.46 18.87 4.33
C ALA A 57 -7.93 18.82 5.78
N ALA A 58 -7.26 19.59 6.64
CA ALA A 58 -7.56 19.60 8.07
C ALA A 58 -8.92 20.19 8.36
N LEU A 59 -9.85 19.33 8.79
CA LEU A 59 -11.18 19.77 9.20
C LEU A 59 -11.12 20.51 10.53
N PRO A 60 -12.09 21.40 10.79
CA PRO A 60 -12.11 22.12 12.07
C PRO A 60 -12.56 21.23 13.23
N GLY A 61 -11.68 21.05 14.21
CA GLY A 61 -12.02 20.28 15.40
C GLY A 61 -11.58 18.83 15.33
N GLU A 62 -12.19 18.00 16.17
CA GLU A 62 -11.81 16.60 16.28
C GLU A 62 -12.38 15.75 15.15
N GLU A 63 -11.67 14.67 14.81
CA GLU A 63 -12.14 13.71 13.82
C GLU A 63 -12.39 12.38 14.52
N LEU A 64 -13.54 11.78 14.27
CA LEU A 64 -13.96 10.60 15.03
C LEU A 64 -13.85 9.30 14.24
N LEU A 65 -13.38 9.39 13.00
CA LEU A 65 -13.20 8.22 12.16
C LEU A 65 -11.82 8.23 11.52
N CYS A 66 -11.19 7.07 11.44
CA CYS A 66 -9.86 6.94 10.85
C CYS A 66 -9.85 7.42 9.41
N CYS A 67 -9.03 8.43 9.13
CA CYS A 67 -8.97 9.02 7.80
C CYS A 67 -8.39 8.07 6.75
N VAL A 68 -7.80 6.97 7.20
CA VAL A 68 -7.18 6.01 6.30
C VAL A 68 -8.16 4.94 5.82
N CYS A 69 -8.74 4.21 6.75
CA CYS A 69 -9.62 3.09 6.39
C CYS A 69 -11.11 3.48 6.42
N ARG A 70 -11.42 4.57 7.12
CA ARG A 70 -12.79 5.09 7.19
C ARG A 70 -13.79 4.08 7.71
N SER A 71 -13.35 3.20 8.59
CA SER A 71 -14.23 2.17 9.15
C SER A 71 -13.90 1.87 10.60
N GLU A 72 -14.74 1.05 11.23
CA GLU A 72 -14.55 0.67 12.61
C GLU A 72 -13.68 -0.58 12.73
N THR A 73 -12.94 -0.69 13.83
CA THR A 73 -12.17 -1.89 14.10
C THR A 73 -12.73 -2.62 15.31
N VAL A 74 -12.73 -3.94 15.25
CA VAL A 74 -13.20 -4.75 16.37
C VAL A 74 -12.01 -5.40 17.07
N VAL A 75 -10.80 -5.00 16.68
CA VAL A 75 -9.58 -5.52 17.26
C VAL A 75 -9.09 -4.63 18.40
N PRO A 76 -9.17 -5.13 19.65
CA PRO A 76 -8.75 -4.35 20.81
C PRO A 76 -7.26 -4.01 20.77
N GLY A 77 -6.88 -2.89 21.38
CA GLY A 77 -5.50 -2.46 21.37
C GLY A 77 -5.14 -1.66 20.12
N ASN A 78 -6.17 -1.32 19.35
CA ASN A 78 -5.98 -0.53 18.13
C ASN A 78 -6.73 0.79 18.24
N ARG A 79 -6.17 1.69 19.05
CA ARG A 79 -6.86 2.93 19.42
C ARG A 79 -6.85 3.97 18.31
N LEU A 80 -7.74 4.95 18.44
CA LEU A 80 -7.85 6.02 17.46
C LEU A 80 -7.10 7.26 17.95
N VAL A 81 -5.90 7.46 17.42
CA VAL A 81 -5.03 8.55 17.85
C VAL A 81 -5.13 9.73 16.88
N SER A 82 -5.07 10.94 17.42
CA SER A 82 -5.17 12.14 16.58
C SER A 82 -3.84 12.90 16.49
N CYS A 83 -3.48 13.30 15.28
CA CYS A 83 -2.29 14.13 15.09
C CYS A 83 -2.52 15.53 15.64
N GLU A 84 -1.54 16.04 16.37
CA GLU A 84 -1.68 17.34 17.03
C GLU A 84 -1.68 18.50 16.05
N LYS A 85 -1.21 18.26 14.82
CA LYS A 85 -1.11 19.32 13.83
C LYS A 85 -2.35 19.44 12.95
N CYS A 86 -2.63 18.39 12.17
CA CYS A 86 -3.75 18.41 11.23
C CYS A 86 -5.05 17.89 11.84
N ARG A 87 -4.98 17.46 13.10
CA ARG A 87 -6.14 16.97 13.84
C ARG A 87 -6.85 15.79 13.16
N HIS A 88 -6.11 15.03 12.36
CA HIS A 88 -6.65 13.83 11.73
C HIS A 88 -6.51 12.63 12.66
N ALA A 89 -7.50 11.74 12.63
CA ALA A 89 -7.50 10.56 13.50
C ALA A 89 -6.95 9.34 12.77
N TYR A 90 -6.09 8.59 13.45
CA TYR A 90 -5.49 7.39 12.89
C TYR A 90 -5.67 6.18 13.80
N HIS A 91 -6.01 5.04 13.21
CA HIS A 91 -5.81 3.77 13.88
C HIS A 91 -4.30 3.58 14.02
N GLN A 92 -3.85 3.02 15.14
CA GLN A 92 -2.43 2.82 15.36
C GLN A 92 -1.82 1.94 14.27
N ASP A 93 -2.60 0.97 13.80
CA ASP A 93 -2.13 0.04 12.78
C ASP A 93 -2.34 0.57 11.37
N CYS A 94 -3.05 1.70 11.27
CA CYS A 94 -3.28 2.34 9.97
C CYS A 94 -2.25 3.40 9.66
N HIS A 95 -1.22 3.51 10.51
CA HIS A 95 -0.17 4.50 10.30
C HIS A 95 1.17 3.84 10.05
N VAL A 96 2.04 4.52 9.29
CA VAL A 96 3.38 4.01 9.00
C VAL A 96 4.44 5.02 9.41
N PRO A 97 5.23 4.69 10.45
CA PRO A 97 5.14 3.46 11.25
C PRO A 97 3.99 3.50 12.24
N ARG A 98 3.83 2.42 13.02
CA ARG A 98 2.73 2.30 13.96
C ARG A 98 2.69 3.48 14.94
N ALA A 99 1.55 4.15 15.00
CA ALA A 99 1.37 5.31 15.86
C ALA A 99 1.25 4.90 17.32
N PRO A 100 1.94 5.63 18.21
CA PRO A 100 1.87 5.40 19.65
C PRO A 100 0.52 5.83 20.23
N ALA A 101 0.03 5.11 21.23
CA ALA A 101 -1.18 5.46 21.93
C ALA A 101 -0.94 6.72 22.77
N PRO A 102 -2.00 7.37 23.15
CA PRO A 102 -1.87 8.61 23.88
C PRO A 102 -1.17 8.26 25.16
N GLY A 103 -0.37 9.17 25.68
CA GLY A 103 0.47 8.84 26.82
C GLY A 103 1.37 7.74 26.35
N GLU A 104 1.46 6.64 27.09
CA GLU A 104 2.19 5.51 26.57
C GLU A 104 3.60 5.97 26.26
N GLY A 105 4.03 5.85 25.01
CA GLY A 105 5.33 6.40 24.65
C GLY A 105 5.26 7.88 24.96
N GLU A 106 6.31 8.36 25.60
CA GLU A 106 6.27 9.45 26.55
C GLU A 106 5.77 10.80 26.07
N GLY A 107 6.13 11.23 24.87
CA GLY A 107 5.63 12.52 24.41
C GLY A 107 4.13 12.42 24.26
N ALA A 108 3.40 13.36 24.82
CA ALA A 108 1.95 13.30 24.73
C ALA A 108 1.54 13.51 23.31
N SER A 109 2.19 14.49 22.69
CA SER A 109 1.72 15.02 21.46
C SER A 109 2.41 14.31 20.36
N TRP A 110 1.63 13.54 19.65
CA TRP A 110 2.12 12.79 18.49
C TRP A 110 1.78 13.51 17.19
N VAL A 111 2.75 13.54 16.28
CA VAL A 111 2.54 14.13 14.96
C VAL A 111 2.69 13.04 13.90
N CYS A 112 1.73 12.99 12.96
CA CYS A 112 1.67 11.96 11.94
C CYS A 112 2.73 12.15 10.86
N ARG A 113 2.84 11.14 10.00
CA ARG A 113 3.82 11.12 8.93
C ARG A 113 3.62 12.23 7.91
N GLN A 114 2.36 12.52 7.59
CA GLN A 114 2.04 13.53 6.57
C GLN A 114 2.51 14.91 7.02
N CYS A 115 2.24 15.25 8.27
CA CYS A 115 2.62 16.55 8.81
C CYS A 115 4.12 16.66 9.03
N VAL A 116 4.75 15.57 9.46
CA VAL A 116 6.19 15.56 9.66
C VAL A 116 6.91 15.87 8.35
N PHE A 117 6.50 15.20 7.28
CA PHE A 117 7.04 15.47 5.96
C PHE A 117 6.69 16.87 5.49
N ALA A 118 5.48 17.32 5.81
CA ALA A 118 5.03 18.65 5.42
C ALA A 118 5.89 19.75 6.03
N ILE A 119 6.38 19.49 7.24
CA ILE A 119 7.20 20.47 7.95
C ILE A 119 8.68 20.31 7.61
N ALA A 120 9.12 19.06 7.41
CA ALA A 120 10.53 18.78 7.22
C ALA A 120 11.01 18.98 5.77
N THR A 121 10.18 18.58 4.80
CA THR A 121 10.58 18.66 3.40
C THR A 121 10.79 20.10 2.93
N LYS A 122 11.76 20.29 2.05
CA LYS A 122 12.11 21.61 1.54
C LYS A 122 12.96 21.46 0.28
N ARG A 123 12.69 22.29 -0.72
CA ARG A 123 13.45 22.25 -1.96
C ARG A 123 14.93 22.51 -1.70
N GLY A 124 15.79 21.66 -2.25
CA GLY A 124 17.21 21.76 -2.03
C GLY A 124 17.68 20.88 -0.87
N GLY A 125 16.73 20.18 -0.25
CA GLY A 125 17.05 19.29 0.86
C GLY A 125 16.27 19.62 2.11
N ALA A 126 15.90 18.58 2.86
CA ALA A 126 15.08 18.73 4.05
C ALA A 126 15.90 19.19 5.26
N LEU A 127 15.22 19.34 6.39
CA LEU A 127 15.87 19.76 7.63
C LEU A 127 16.95 18.78 8.07
N LYS A 128 18.09 19.31 8.52
CA LYS A 128 19.20 18.48 8.96
C LYS A 128 19.27 18.41 10.49
N LYS A 129 18.88 19.51 11.15
CA LYS A 129 18.91 19.58 12.60
C LYS A 129 17.54 19.91 13.16
N GLY A 130 17.35 19.64 14.46
CA GLY A 130 16.10 19.96 15.12
C GLY A 130 15.25 18.73 15.40
N PRO A 131 14.19 18.91 16.22
CA PRO A 131 13.27 17.83 16.59
C PRO A 131 12.55 17.23 15.38
N TYR A 132 12.32 18.05 14.36
CA TYR A 132 11.62 17.58 13.18
C TYR A 132 12.56 16.87 12.19
N ALA A 133 13.85 17.16 12.29
CA ALA A 133 14.83 16.45 11.49
C ALA A 133 14.94 15.02 11.99
N ARG A 134 14.92 14.87 13.31
CA ARG A 134 14.97 13.55 13.94
C ARG A 134 13.66 12.80 13.77
N ALA A 135 12.55 13.54 13.80
CA ALA A 135 11.24 12.94 13.56
C ALA A 135 11.14 12.49 12.11
N MET A 136 11.72 13.30 11.22
CA MET A 136 11.83 12.97 9.80
C MET A 136 12.58 11.66 9.63
N LEU A 137 13.75 11.57 10.26
CA LEU A 137 14.59 10.38 10.20
C LEU A 137 13.85 9.14 10.67
N GLY A 138 13.08 9.27 11.75
CA GLY A 138 12.31 8.17 12.28
C GLY A 138 11.30 7.63 11.29
N MET A 139 10.61 8.53 10.60
CA MET A 139 9.61 8.15 9.60
C MET A 139 10.26 7.54 8.36
N LYS A 140 11.43 8.05 7.98
CA LYS A 140 12.11 7.63 6.76
C LYS A 140 12.63 6.19 6.82
N LEU A 141 12.66 5.61 8.02
CA LEU A 141 13.12 4.24 8.19
C LEU A 141 12.05 3.23 7.78
N SER A 142 10.83 3.72 7.54
CA SER A 142 9.74 2.86 7.08
C SER A 142 9.11 3.40 5.80
N LEU A 143 8.84 2.51 4.86
CA LEU A 143 8.20 2.90 3.60
C LEU A 143 6.70 2.64 3.64
N PRO A 144 5.89 3.61 3.21
CA PRO A 144 4.44 3.49 3.20
C PRO A 144 3.92 2.70 1.99
N TYR A 145 4.75 1.82 1.45
CA TYR A 145 4.37 0.98 0.32
C TYR A 145 5.23 -0.28 0.27
N GLY A 146 4.85 -1.21 -0.61
CA GLY A 146 5.62 -2.42 -0.81
C GLY A 146 6.67 -2.25 -1.90
N LEU A 147 7.92 -2.08 -1.48
CA LEU A 147 8.99 -1.81 -2.43
C LEU A 147 9.29 -2.99 -3.34
N LYS A 148 9.29 -4.19 -2.77
CA LYS A 148 9.66 -5.40 -3.50
C LYS A 148 8.60 -5.83 -4.51
N GLY A 149 7.49 -5.10 -4.57
CA GLY A 149 6.39 -5.48 -5.42
C GLY A 149 6.09 -4.48 -6.54
N LEU A 150 6.87 -3.40 -6.59
CA LEU A 150 6.68 -2.39 -7.62
C LEU A 150 7.00 -2.96 -9.00
N ASP A 151 6.41 -2.35 -10.03
CA ASP A 151 6.58 -2.85 -11.38
C ASP A 151 7.43 -1.90 -12.23
N TRP A 152 8.73 -2.11 -12.21
CA TRP A 152 9.67 -1.23 -12.88
C TRP A 152 9.85 -1.53 -14.36
N ASP A 153 10.32 -0.55 -15.12
CA ASP A 153 10.71 -0.76 -16.50
C ASP A 153 12.09 -1.40 -16.56
N ALA A 154 12.59 -1.63 -17.76
CA ALA A 154 13.86 -2.32 -17.95
C ALA A 154 15.03 -1.55 -17.33
N GLY A 155 15.02 -0.23 -17.49
CA GLY A 155 16.10 0.61 -17.00
C GLY A 155 15.98 0.92 -15.52
N HIS A 156 14.88 0.47 -14.91
CA HIS A 156 14.58 0.75 -13.50
C HIS A 156 14.49 2.25 -13.25
N LEU A 157 13.81 2.94 -14.15
CA LEU A 157 13.69 4.40 -14.09
C LEU A 157 12.31 4.81 -13.58
N SER A 158 11.30 4.02 -13.92
CA SER A 158 9.93 4.27 -13.47
C SER A 158 9.18 2.99 -13.18
N ASN A 159 8.31 3.03 -12.17
CA ASN A 159 7.42 1.93 -11.89
C ASN A 159 5.97 2.34 -12.12
N ARG A 160 5.12 1.40 -12.51
CA ARG A 160 3.75 1.71 -12.87
C ARG A 160 2.89 2.17 -11.70
N GLN A 161 3.29 1.81 -10.48
CA GLN A 161 2.56 2.24 -9.29
C GLN A 161 2.80 3.72 -9.01
N GLN A 162 3.84 4.27 -9.64
CA GLN A 162 4.25 5.65 -9.43
C GLN A 162 4.55 5.94 -7.97
N SER A 163 5.09 4.93 -7.29
CA SER A 163 5.48 5.07 -5.89
C SER A 163 7.00 5.20 -5.78
N TYR A 164 7.45 6.29 -5.18
CA TYR A 164 8.88 6.53 -5.04
C TYR A 164 9.23 7.06 -3.66
N CYS A 165 10.53 7.04 -3.35
CA CYS A 165 11.06 7.76 -2.19
C CYS A 165 10.52 7.25 -0.85
N TYR A 166 10.77 8.02 0.20
CA TYR A 166 10.26 7.70 1.52
C TYR A 166 8.81 8.09 1.66
N CYS A 167 8.38 8.99 0.79
CA CYS A 167 7.05 9.59 0.89
C CYS A 167 5.99 8.74 0.19
N GLY A 168 6.43 7.91 -0.75
CA GLY A 168 5.50 7.10 -1.52
C GLY A 168 4.76 7.91 -2.56
N GLY A 169 5.21 9.15 -2.76
CA GLY A 169 4.61 10.03 -3.74
C GLY A 169 5.10 9.74 -5.15
N PRO A 170 4.60 10.50 -6.13
CA PRO A 170 5.02 10.36 -7.52
C PRO A 170 6.35 11.07 -7.76
N GLY A 171 6.95 10.85 -8.93
CA GLY A 171 8.21 11.50 -9.23
C GLY A 171 8.83 11.09 -10.55
N GLU A 172 9.69 11.95 -11.07
CA GLU A 172 10.43 11.65 -12.30
C GLU A 172 11.92 11.59 -11.98
N TRP A 173 12.54 10.46 -12.32
CA TRP A 173 13.92 10.18 -11.92
C TRP A 173 14.91 11.24 -12.39
N ASN A 174 14.64 11.83 -13.56
CA ASN A 174 15.52 12.80 -14.15
C ASN A 174 15.31 14.21 -13.61
N LEU A 175 14.34 14.36 -12.71
CA LEU A 175 14.02 15.66 -12.16
C LEU A 175 14.20 15.70 -10.64
N LYS A 176 15.40 16.07 -10.21
CA LYS A 176 15.72 16.24 -8.79
C LYS A 176 15.49 14.98 -7.96
N MET A 177 15.97 13.84 -8.46
CA MET A 177 15.84 12.58 -7.72
C MET A 177 17.14 11.79 -7.72
N LEU A 178 17.49 11.23 -6.57
CA LEU A 178 18.67 10.37 -6.44
C LEU A 178 18.26 8.91 -6.34
N GLN A 179 19.04 8.03 -6.96
CA GLN A 179 18.78 6.60 -6.89
C GLN A 179 19.66 5.94 -5.84
N CYS A 180 19.05 5.13 -4.98
CA CYS A 180 19.80 4.40 -3.97
C CYS A 180 20.57 3.24 -4.62
N ARG A 181 21.82 3.08 -4.24
CA ARG A 181 22.67 2.06 -4.85
C ARG A 181 22.28 0.64 -4.45
N SER A 182 21.54 0.51 -3.34
CA SER A 182 21.22 -0.80 -2.79
C SER A 182 19.86 -1.32 -3.25
N CYS A 183 18.82 -0.48 -3.13
CA CYS A 183 17.47 -0.91 -3.45
C CYS A 183 17.01 -0.40 -4.81
N LEU A 184 17.85 0.42 -5.44
CA LEU A 184 17.59 0.96 -6.79
C LEU A 184 16.31 1.81 -6.85
N GLN A 185 15.87 2.29 -5.68
CA GLN A 185 14.69 3.17 -5.62
C GLN A 185 15.13 4.62 -5.78
N TRP A 186 14.24 5.44 -6.35
CA TRP A 186 14.52 6.86 -6.52
C TRP A 186 13.90 7.69 -5.39
N PHE A 187 14.62 8.70 -4.95
CA PHE A 187 14.21 9.50 -3.80
C PHE A 187 14.25 10.99 -4.11
N HIS A 188 13.21 11.71 -3.69
CA HIS A 188 13.10 13.15 -3.97
C HIS A 188 14.19 13.95 -3.26
N GLU A 189 14.63 15.02 -3.91
CA GLU A 189 15.63 15.92 -3.34
C GLU A 189 15.12 16.53 -2.04
N ALA A 190 13.87 16.95 -2.04
CA ALA A 190 13.26 17.62 -0.89
C ALA A 190 13.08 16.70 0.31
N CYS A 191 13.22 15.40 0.10
CA CYS A 191 13.01 14.42 1.17
C CYS A 191 14.33 13.92 1.78
N THR A 192 15.44 14.19 1.11
CA THR A 192 16.75 13.80 1.61
C THR A 192 17.27 14.82 2.63
N GLN A 193 18.27 14.41 3.41
CA GLN A 193 18.86 15.28 4.43
C GLN A 193 20.38 15.26 4.39
N CYS A 194 20.95 14.78 3.29
CA CYS A 194 22.39 14.55 3.22
C CYS A 194 23.11 15.45 2.21
N LEU A 195 22.35 16.16 1.39
CA LEU A 195 22.94 16.98 0.33
C LEU A 195 23.50 18.29 0.85
N SER A 196 24.55 18.79 0.18
CA SER A 196 25.15 20.07 0.51
C SER A 196 24.79 21.10 -0.55
N LYS A 197 24.46 20.60 -1.75
CA LYS A 197 24.09 21.47 -2.87
C LYS A 197 22.83 20.93 -3.54
N PRO A 198 21.99 21.85 -4.04
CA PRO A 198 20.78 21.45 -4.78
C PRO A 198 21.13 20.60 -6.00
N LEU A 199 20.35 19.56 -6.26
CA LEU A 199 20.59 18.67 -7.39
C LEU A 199 20.37 19.38 -8.71
N LEU A 200 21.19 19.06 -9.70
CA LEU A 200 20.97 19.50 -11.07
C LEU A 200 20.07 18.50 -11.77
N TYR A 201 19.23 18.99 -12.68
CA TYR A 201 18.34 18.10 -13.42
C TYR A 201 19.13 17.10 -14.24
N GLY A 202 18.86 15.81 -14.02
CA GLY A 202 19.51 14.75 -14.76
C GLY A 202 20.83 14.31 -14.18
N ASP A 203 21.22 14.90 -13.05
CA ASP A 203 22.51 14.60 -12.44
C ASP A 203 22.49 13.27 -11.68
N ARG A 204 22.91 12.20 -12.35
CA ARG A 204 23.00 10.88 -11.72
C ARG A 204 24.43 10.58 -11.27
N PHE A 205 25.30 11.59 -11.30
CA PHE A 205 26.69 11.41 -10.89
C PHE A 205 26.81 11.42 -9.38
N TYR A 206 26.14 10.46 -8.75
CA TYR A 206 26.14 10.34 -7.30
C TYR A 206 26.20 8.88 -6.87
N GLU A 207 26.75 8.63 -5.69
CA GLU A 207 26.60 7.33 -5.05
C GLU A 207 25.80 7.52 -3.77
N PHE A 208 24.55 7.06 -3.78
CA PHE A 208 23.62 7.33 -2.70
C PHE A 208 23.05 6.07 -2.07
N GLU A 209 22.81 6.12 -0.75
CA GLU A 209 22.20 5.02 -0.03
C GLU A 209 21.16 5.56 0.95
N CYS A 210 19.92 5.12 0.81
CA CYS A 210 18.81 5.66 1.59
C CYS A 210 18.78 5.19 3.04
N CYS A 211 17.87 5.77 3.81
CA CYS A 211 17.76 5.49 5.24
C CYS A 211 17.29 4.06 5.55
N VAL A 212 16.40 3.53 4.70
CA VAL A 212 15.86 2.20 4.92
C VAL A 212 16.95 1.14 4.79
N CYS A 213 17.82 1.31 3.80
CA CYS A 213 18.94 0.40 3.62
C CYS A 213 20.02 0.60 4.67
N ARG A 214 20.30 1.87 4.99
CA ARG A 214 21.33 2.21 5.98
C ARG A 214 20.87 1.88 7.39
N GLY A 215 19.56 1.98 7.64
CA GLY A 215 19.03 1.81 8.98
C GLY A 215 19.34 3.02 9.84
N GLY A 216 19.48 4.16 9.18
CA GLY A 216 19.81 5.41 9.87
C GLY A 216 20.04 6.51 8.85
N PRO A 217 20.89 7.50 9.19
CA PRO A 217 21.20 8.63 8.32
C PRO A 217 21.69 8.21 6.92
N GLU A 218 21.37 9.01 5.93
CA GLU A 218 21.75 8.73 4.54
C GLU A 218 23.26 8.89 4.32
N LYS A 219 23.75 8.25 3.27
CA LYS A 219 25.14 8.39 2.86
C LYS A 219 25.20 8.78 1.39
N VAL A 220 25.89 9.88 1.08
CA VAL A 220 25.99 10.35 -0.29
C VAL A 220 27.43 10.73 -0.63
N ARG A 221 27.83 10.46 -1.86
CA ARG A 221 29.16 10.84 -2.33
C ARG A 221 29.08 11.41 -3.76
N ARG A 222 29.77 12.52 -3.98
CA ARG A 222 29.79 13.16 -5.28
C ARG A 222 30.87 12.53 -6.17
N LEU A 223 30.45 11.93 -7.28
CA LEU A 223 31.37 11.30 -8.21
C LEU A 223 32.08 12.37 -9.05
N GLN A 224 33.27 12.03 -9.55
CA GLN A 224 34.05 12.97 -10.34
C GLN A 224 33.54 13.09 -11.78
N LEU A 225 33.29 14.32 -12.21
CA LEU A 225 32.80 14.58 -13.56
C LEU A 225 33.95 14.83 -14.53
N ARG A 226 33.82 14.30 -15.74
CA ARG A 226 34.70 14.67 -16.83
C ARG A 226 34.16 15.95 -17.46
N TRP A 227 34.98 16.63 -18.26
CA TRP A 227 34.54 17.87 -18.90
C TRP A 227 33.39 17.60 -19.86
N VAL A 228 33.35 16.39 -20.42
CA VAL A 228 32.26 15.98 -21.29
C VAL A 228 30.96 15.90 -20.49
N ASP A 229 31.08 15.48 -19.24
CA ASP A 229 29.92 15.36 -18.36
C ASP A 229 29.38 16.72 -17.97
N VAL A 230 30.28 17.65 -17.65
CA VAL A 230 29.89 18.99 -17.23
C VAL A 230 29.13 19.72 -18.34
N ALA A 231 29.61 19.57 -19.57
CA ALA A 231 28.95 20.19 -20.72
C ALA A 231 27.55 19.59 -20.93
N HIS A 232 27.46 18.27 -20.79
CA HIS A 232 26.20 17.56 -20.99
C HIS A 232 25.22 17.85 -19.85
N LEU A 233 25.75 17.93 -18.63
CA LEU A 233 24.92 18.16 -17.46
C LEU A 233 24.35 19.57 -17.43
N VAL A 234 25.18 20.55 -17.75
CA VAL A 234 24.75 21.95 -17.81
C VAL A 234 23.71 22.15 -18.92
N LEU A 235 23.93 21.50 -20.06
CA LEU A 235 23.01 21.60 -21.18
C LEU A 235 21.64 21.03 -20.84
N TYR A 236 21.62 19.83 -20.25
CA TYR A 236 20.36 19.20 -19.89
C TYR A 236 19.63 19.98 -18.80
N HIS A 237 20.39 20.48 -17.82
CA HIS A 237 19.82 21.27 -16.74
C HIS A 237 19.14 22.51 -17.30
N LEU A 238 19.84 23.23 -18.18
CA LEU A 238 19.29 24.41 -18.82
C LEU A 238 18.13 24.05 -19.73
N SER A 239 18.26 22.92 -20.44
CA SER A 239 17.21 22.45 -21.35
C SER A 239 15.91 22.19 -20.60
N VAL A 240 16.03 21.73 -19.36
CA VAL A 240 14.87 21.47 -18.52
C VAL A 240 14.39 22.75 -17.85
N CYS A 241 15.33 23.48 -17.28
CA CYS A 241 15.02 24.70 -16.53
C CYS A 241 14.46 25.81 -17.42
N CYS A 242 14.99 25.96 -18.62
CA CYS A 242 14.58 27.03 -19.53
C CYS A 242 13.62 26.55 -20.61
N LYS A 243 13.51 25.24 -20.75
CA LYS A 243 12.60 24.60 -21.70
C LYS A 243 12.85 25.04 -23.15
N LYS A 244 14.12 24.99 -23.56
CA LYS A 244 14.47 25.17 -24.96
C LYS A 244 15.67 24.30 -25.31
N LYS A 245 15.93 24.14 -26.61
CA LYS A 245 16.95 23.21 -27.08
C LYS A 245 18.33 23.86 -27.17
N TYR A 246 18.42 24.94 -27.94
CA TYR A 246 19.72 25.55 -28.23
C TYR A 246 20.07 26.69 -27.26
N PHE A 247 21.33 26.71 -26.83
CA PHE A 247 21.80 27.72 -25.90
C PHE A 247 23.08 28.39 -26.39
N ASP A 248 23.15 29.72 -26.24
CA ASP A 248 24.35 30.46 -26.59
C ASP A 248 25.45 30.19 -25.59
N PHE A 249 26.66 29.91 -26.08
CA PHE A 249 27.77 29.54 -25.22
C PHE A 249 28.21 30.69 -24.32
N ASP A 250 28.55 31.82 -24.93
CA ASP A 250 29.17 32.92 -24.21
C ASP A 250 28.19 33.73 -23.35
N ARG A 251 26.90 33.67 -23.67
CA ARG A 251 25.92 34.48 -22.95
C ARG A 251 24.91 33.68 -22.13
N GLU A 252 25.00 32.35 -22.17
CA GLU A 252 24.06 31.52 -21.42
C GLU A 252 24.73 30.31 -20.76
N ILE A 253 25.42 29.50 -21.55
CA ILE A 253 26.06 28.30 -21.04
C ILE A 253 27.19 28.64 -20.07
N LEU A 254 28.15 29.43 -20.53
CA LEU A 254 29.29 29.82 -19.72
C LEU A 254 28.92 30.69 -18.51
N PRO A 255 28.04 31.70 -18.69
CA PRO A 255 27.65 32.48 -17.51
C PRO A 255 26.91 31.66 -16.45
N PHE A 256 26.34 30.54 -16.84
CA PHE A 256 25.66 29.66 -15.90
C PHE A 256 26.66 28.89 -15.04
N THR A 257 27.69 28.36 -15.69
CA THR A 257 28.69 27.54 -15.02
C THR A 257 29.48 28.33 -14.00
N SER A 258 29.93 29.53 -14.39
CA SER A 258 30.77 30.34 -13.52
C SER A 258 29.97 30.94 -12.36
N GLU A 259 28.67 31.12 -12.56
CA GLU A 259 27.82 31.71 -11.53
C GLU A 259 27.31 30.63 -10.57
N ASN A 260 27.47 29.37 -10.95
CA ASN A 260 27.05 28.25 -10.13
C ASN A 260 28.15 27.20 -10.01
N TRP A 261 29.40 27.65 -10.06
CA TRP A 261 30.57 26.77 -10.06
C TRP A 261 30.68 25.95 -8.78
N ASP A 262 30.40 26.59 -7.65
CA ASP A 262 30.47 25.92 -6.36
C ASP A 262 29.34 24.91 -6.23
N SER A 263 28.16 25.26 -6.75
CA SER A 263 26.98 24.40 -6.68
C SER A 263 27.13 23.17 -7.58
N LEU A 264 28.07 23.24 -8.52
CA LEU A 264 28.30 22.16 -9.47
C LEU A 264 29.04 20.98 -8.84
N LEU A 265 29.77 21.26 -7.76
CA LEU A 265 30.59 20.26 -7.07
C LEU A 265 31.49 19.51 -8.06
N LEU A 266 32.48 20.21 -8.60
CA LEU A 266 33.27 19.66 -9.70
C LEU A 266 34.55 18.97 -9.23
N GLY A 267 34.84 19.06 -7.93
CA GLY A 267 35.93 18.33 -7.33
C GLY A 267 37.31 18.60 -7.90
N GLU A 268 37.81 17.67 -8.71
CA GLU A 268 39.15 17.77 -9.27
C GLU A 268 39.27 18.91 -10.26
N LEU A 269 38.14 19.28 -10.88
CA LEU A 269 38.11 20.34 -11.88
C LEU A 269 37.77 21.68 -11.26
N SER A 270 37.58 21.71 -9.95
CA SER A 270 37.16 22.92 -9.26
C SER A 270 38.24 23.99 -9.24
N ASP A 271 39.47 23.59 -9.49
CA ASP A 271 40.61 24.50 -9.45
C ASP A 271 40.73 25.32 -10.74
N THR A 272 40.12 24.81 -11.81
CA THR A 272 40.28 25.34 -13.15
C THR A 272 40.09 26.86 -13.25
N PRO A 273 41.13 27.55 -13.75
CA PRO A 273 41.07 29.00 -13.99
C PRO A 273 39.98 29.34 -15.00
N LYS A 274 39.38 30.52 -14.85
CA LYS A 274 38.23 30.92 -15.65
C LYS A 274 38.46 30.80 -17.15
N GLY A 275 39.68 31.10 -17.58
CA GLY A 275 40.03 31.03 -18.99
C GLY A 275 40.04 29.62 -19.53
N GLU A 276 40.51 28.67 -18.72
CA GLU A 276 40.57 27.28 -19.14
C GLU A 276 39.19 26.63 -19.11
N ARG A 277 38.27 27.25 -18.38
CA ARG A 277 36.89 26.77 -18.33
C ARG A 277 36.26 26.83 -19.72
N SER A 278 36.38 27.99 -20.36
CA SER A 278 35.78 28.23 -21.67
C SER A 278 36.36 27.30 -22.73
N SER A 279 37.68 27.21 -22.78
CA SER A 279 38.35 26.39 -23.79
C SER A 279 38.03 24.91 -23.62
N GLN A 280 37.93 24.45 -22.38
CA GLN A 280 37.65 23.04 -22.12
C GLN A 280 36.19 22.70 -22.40
N LEU A 281 35.29 23.62 -22.06
CA LEU A 281 33.87 23.43 -22.31
C LEU A 281 33.55 23.49 -23.80
N LEU A 282 34.17 24.45 -24.50
CA LEU A 282 33.94 24.63 -25.93
C LEU A 282 34.44 23.44 -26.73
N SER A 283 35.64 22.96 -26.38
CA SER A 283 36.22 21.82 -27.07
C SER A 283 35.40 20.55 -26.83
N ALA A 284 34.88 20.43 -25.61
CA ALA A 284 34.01 19.30 -25.28
C ALA A 284 32.72 19.35 -26.08
N LEU A 285 32.14 20.55 -26.18
CA LEU A 285 30.90 20.73 -26.92
C LEU A 285 31.06 20.47 -28.42
N ASN A 286 32.26 20.72 -28.93
CA ASN A 286 32.52 20.54 -30.36
C ASN A 286 32.96 19.12 -30.72
N SER A 287 33.63 18.45 -29.79
CA SER A 287 34.28 17.17 -30.07
C SER A 287 33.34 15.97 -29.96
N HIS A 288 32.12 16.19 -29.47
CA HIS A 288 31.18 15.09 -29.28
C HIS A 288 29.88 15.32 -30.05
N LYS A 289 29.90 15.03 -31.34
CA LYS A 289 28.73 15.23 -32.19
C LYS A 289 27.64 14.19 -31.91
N ASP A 290 27.99 13.12 -31.20
CA ASP A 290 27.01 12.11 -30.84
C ASP A 290 26.13 12.61 -29.69
N ARG A 291 26.70 13.49 -28.86
CA ARG A 291 25.95 14.10 -27.77
C ARG A 291 25.35 15.44 -28.18
N PHE A 292 26.19 16.30 -28.75
CA PHE A 292 25.84 17.70 -28.96
C PHE A 292 25.61 18.06 -30.42
N ILE A 293 24.75 19.05 -30.65
CA ILE A 293 24.49 19.57 -31.98
C ILE A 293 24.68 21.08 -32.03
N SER A 294 25.54 21.54 -32.94
CA SER A 294 25.79 22.97 -33.09
C SER A 294 24.68 23.63 -33.90
N GLY A 295 24.52 24.93 -33.72
CA GLY A 295 23.54 25.70 -34.49
C GLY A 295 23.92 25.72 -35.96
N ARG A 296 25.19 25.48 -36.23
CA ARG A 296 25.71 25.39 -37.59
C ARG A 296 24.96 24.34 -38.42
N GLU A 297 24.47 23.30 -37.74
CA GLU A 297 23.77 22.22 -38.40
C GLU A 297 22.39 22.66 -38.91
N ILE A 298 21.83 23.69 -38.29
CA ILE A 298 20.52 24.19 -38.68
C ILE A 298 20.55 25.67 -39.08
N LYS A 299 21.63 26.05 -39.78
CA LYS A 299 21.76 27.38 -40.38
C LYS A 299 21.75 28.50 -39.33
N LYS A 300 22.38 28.22 -38.18
CA LYS A 300 22.53 29.23 -37.14
C LYS A 300 24.00 29.39 -36.77
N ARG A 301 24.30 30.36 -35.91
CA ARG A 301 25.67 30.63 -35.49
C ARG A 301 26.32 29.42 -34.82
N LYS A 302 27.64 29.35 -34.90
CA LYS A 302 28.37 28.18 -34.42
C LYS A 302 28.54 28.14 -32.90
N CYS A 303 28.22 29.26 -32.24
CA CYS A 303 28.36 29.33 -30.79
C CYS A 303 27.10 28.85 -30.08
N LEU A 304 26.11 28.41 -30.87
CA LEU A 304 24.89 27.84 -30.32
C LEU A 304 25.03 26.33 -30.18
N PHE A 305 24.56 25.80 -29.05
CA PHE A 305 24.65 24.38 -28.78
C PHE A 305 23.38 23.82 -28.14
N GLY A 306 23.06 22.58 -28.45
CA GLY A 306 21.94 21.89 -27.87
C GLY A 306 22.22 20.40 -27.81
N LEU A 307 21.32 19.65 -27.17
CA LEU A 307 21.48 18.20 -27.08
C LEU A 307 20.77 17.50 -28.25
N HIS A 308 21.40 16.47 -28.78
CA HIS A 308 20.81 15.66 -29.84
C HIS A 308 19.44 15.14 -29.40
N ALA A 309 19.43 14.50 -28.25
CA ALA A 309 18.21 14.01 -27.66
C ALA A 309 18.17 14.56 -26.28
N ARG A 310 17.02 14.98 -25.82
CA ARG A 310 16.95 15.72 -24.59
C ARG A 310 17.02 14.69 -23.50
N THR A 311 18.22 14.22 -23.25
CA THR A 311 18.43 13.15 -22.33
C THR A 311 19.50 13.48 -21.35
N PRO A 312 19.33 12.87 -20.10
CA PRO A 312 20.40 13.19 -19.14
C PRO A 312 21.76 12.58 -19.46
N PRO A 313 22.81 13.07 -18.86
CA PRO A 313 24.15 12.51 -19.09
C PRO A 313 24.27 11.07 -18.59
N PRO A 314 24.77 10.16 -19.43
CA PRO A 314 24.98 8.77 -19.03
C PRO A 314 26.14 8.64 -18.05
N VAL A 315 26.07 7.64 -17.18
CA VAL A 315 27.11 7.42 -16.18
C VAL A 315 27.77 6.06 -16.36
N ARG B 6 9.34 -22.45 -13.59
CA ARG B 6 8.87 -22.97 -12.31
C ARG B 6 9.14 -22.00 -11.18
N LEU B 7 9.50 -22.54 -10.01
CA LEU B 7 9.77 -21.71 -8.83
C LEU B 7 11.14 -22.02 -8.24
N TRP B 8 11.74 -21.03 -7.62
CA TRP B 8 13.08 -21.19 -7.05
C TRP B 8 13.25 -20.36 -5.78
N GLU B 9 14.37 -20.57 -5.10
CA GLU B 9 14.66 -19.89 -3.84
C GLU B 9 15.14 -18.47 -4.10
N GLY B 10 14.67 -17.54 -3.26
CA GLY B 10 15.03 -16.13 -3.42
C GLY B 10 14.06 -15.40 -4.33
N GLN B 11 13.18 -16.16 -4.98
CA GLN B 11 12.20 -15.58 -5.88
C GLN B 11 11.12 -14.81 -5.12
N ASP B 12 10.86 -13.58 -5.56
CA ASP B 12 9.81 -12.77 -4.96
C ASP B 12 8.46 -13.11 -5.58
N VAL B 13 7.51 -13.50 -4.73
CA VAL B 13 6.19 -13.92 -5.21
C VAL B 13 5.06 -13.31 -4.41
N LEU B 14 3.86 -13.30 -5.00
CA LEU B 14 2.65 -12.92 -4.29
C LEU B 14 1.96 -14.18 -3.78
N ALA B 15 1.64 -14.19 -2.49
CA ALA B 15 1.00 -15.35 -1.88
C ALA B 15 -0.39 -14.99 -1.35
N ARG B 16 -1.39 -15.79 -1.72
CA ARG B 16 -2.74 -15.59 -1.21
C ARG B 16 -2.87 -16.20 0.17
N TRP B 17 -3.10 -15.34 1.16
CA TRP B 17 -3.16 -15.75 2.56
C TRP B 17 -4.56 -16.29 2.90
N THR B 18 -4.73 -16.74 4.14
CA THR B 18 -5.99 -17.34 4.58
C THR B 18 -7.13 -16.32 4.69
N ASP B 19 -6.82 -15.04 4.48
CA ASP B 19 -7.83 -13.99 4.51
C ASP B 19 -8.32 -13.63 3.11
N GLY B 20 -7.75 -14.31 2.11
CA GLY B 20 -8.11 -14.05 0.72
C GLY B 20 -7.35 -12.90 0.10
N LEU B 21 -6.46 -12.29 0.88
CA LEU B 21 -5.68 -11.16 0.39
C LEU B 21 -4.32 -11.61 -0.13
N LEU B 22 -3.75 -10.82 -1.05
CA LEU B 22 -2.44 -11.13 -1.62
C LEU B 22 -1.33 -10.41 -0.88
N TYR B 23 -0.33 -11.17 -0.46
CA TYR B 23 0.83 -10.60 0.23
C TYR B 23 2.12 -10.94 -0.49
N LEU B 24 3.01 -9.96 -0.57
CA LEU B 24 4.28 -10.09 -1.25
C LEU B 24 5.32 -10.78 -0.37
N GLY B 25 5.88 -11.87 -0.86
CA GLY B 25 6.84 -12.65 -0.08
C GLY B 25 7.99 -13.23 -0.89
N THR B 26 8.97 -13.78 -0.19
CA THR B 26 10.15 -14.34 -0.82
C THR B 26 10.28 -15.83 -0.54
N ILE B 27 10.42 -16.63 -1.59
CA ILE B 27 10.56 -18.08 -1.45
C ILE B 27 11.88 -18.45 -0.79
N LYS B 28 11.82 -19.26 0.26
CA LYS B 28 13.01 -19.70 0.98
C LYS B 28 13.34 -21.16 0.70
N LYS B 29 12.34 -21.91 0.26
CA LYS B 29 12.50 -23.34 0.01
C LYS B 29 11.32 -23.89 -0.77
N VAL B 30 11.57 -24.76 -1.73
CA VAL B 30 10.48 -25.38 -2.50
C VAL B 30 10.44 -26.89 -2.25
N ASP B 31 9.24 -27.45 -2.31
CA ASP B 31 9.05 -28.88 -2.11
C ASP B 31 8.08 -29.45 -3.13
N SER B 32 8.62 -30.02 -4.21
CA SER B 32 7.81 -30.55 -5.29
C SER B 32 7.13 -31.86 -4.90
N ALA B 33 7.59 -32.46 -3.82
CA ALA B 33 7.03 -33.72 -3.34
C ALA B 33 5.62 -33.53 -2.80
N ARG B 34 5.42 -32.47 -2.01
CA ARG B 34 4.13 -32.20 -1.41
C ARG B 34 3.49 -30.94 -2.01
N GLU B 35 4.09 -30.44 -3.08
CA GLU B 35 3.56 -29.28 -3.80
C GLU B 35 3.39 -28.05 -2.90
N VAL B 36 4.30 -27.88 -1.96
CA VAL B 36 4.20 -26.78 -1.01
C VAL B 36 5.41 -25.85 -1.13
N CYS B 37 5.29 -24.63 -0.60
CA CYS B 37 6.35 -23.65 -0.67
C CYS B 37 6.53 -22.90 0.65
N LEU B 38 7.78 -22.78 1.09
CA LEU B 38 8.09 -22.00 2.29
C LEU B 38 8.39 -20.56 1.92
N VAL B 39 7.52 -19.65 2.31
CA VAL B 39 7.63 -18.25 1.93
C VAL B 39 7.84 -17.32 3.12
N GLN B 40 8.80 -16.41 3.00
CA GLN B 40 9.04 -15.41 4.03
C GLN B 40 8.43 -14.07 3.62
N PHE B 41 7.75 -13.42 4.55
CA PHE B 41 7.04 -12.18 4.26
C PHE B 41 7.75 -10.96 4.82
N GLU B 42 7.15 -9.78 4.62
CA GLU B 42 7.77 -8.51 5.00
C GLU B 42 8.11 -8.41 6.48
N ASP B 43 7.28 -9.03 7.32
CA ASP B 43 7.52 -9.00 8.76
C ASP B 43 8.43 -10.15 9.20
N ASP B 44 9.18 -10.68 8.24
CA ASP B 44 10.15 -11.76 8.48
C ASP B 44 9.53 -13.02 9.06
N SER B 45 8.24 -13.21 8.82
CA SER B 45 7.57 -14.43 9.23
C SER B 45 7.59 -15.43 8.10
N GLN B 46 7.60 -16.72 8.43
CA GLN B 46 7.68 -17.78 7.44
C GLN B 46 6.51 -18.75 7.54
N PHE B 47 5.85 -18.99 6.41
CA PHE B 47 4.70 -19.88 6.38
C PHE B 47 4.72 -20.78 5.14
N LEU B 48 4.23 -22.01 5.29
CA LEU B 48 4.10 -22.91 4.16
C LEU B 48 2.91 -22.51 3.29
N VAL B 49 3.17 -22.27 2.01
CA VAL B 49 2.12 -21.86 1.08
C VAL B 49 1.96 -22.88 -0.04
N LEU B 50 0.72 -23.27 -0.31
CA LEU B 50 0.43 -24.17 -1.42
C LEU B 50 0.74 -23.48 -2.74
N TRP B 51 1.05 -24.27 -3.77
CA TRP B 51 1.43 -23.72 -5.06
C TRP B 51 0.26 -23.08 -5.79
N LYS B 52 -0.97 -23.44 -5.40
CA LYS B 52 -2.16 -22.87 -6.00
C LYS B 52 -2.33 -21.42 -5.56
N ASP B 53 -1.67 -21.05 -4.47
CA ASP B 53 -1.77 -19.71 -3.92
C ASP B 53 -0.52 -18.89 -4.22
N ILE B 54 0.51 -19.58 -4.72
CA ILE B 54 1.73 -18.92 -5.16
C ILE B 54 1.55 -18.34 -6.56
N SER B 55 1.90 -17.07 -6.73
CA SER B 55 1.76 -16.41 -8.03
C SER B 55 3.07 -15.79 -8.51
N PRO B 56 3.65 -16.37 -9.57
CA PRO B 56 4.89 -15.85 -10.17
C PRO B 56 4.64 -14.59 -11.00
N GLU B 62 4.58 -8.99 -20.92
CA GLU B 62 4.91 -9.19 -22.33
C GLU B 62 5.36 -10.63 -22.56
N GLU B 63 4.59 -11.58 -22.02
CA GLU B 63 4.90 -12.99 -22.19
C GLU B 63 4.01 -13.61 -23.27
N LEU B 64 4.27 -14.86 -23.63
CA LEU B 64 3.61 -15.47 -24.79
C LEU B 64 2.82 -16.73 -24.43
N LEU B 65 3.01 -17.24 -23.22
CA LEU B 65 2.42 -18.51 -22.83
C LEU B 65 1.21 -18.33 -21.92
N CYS B 66 0.30 -19.30 -21.97
CA CYS B 66 -0.84 -19.35 -21.05
C CYS B 66 -0.44 -20.02 -19.74
N CYS B 67 -0.47 -19.24 -18.66
CA CYS B 67 -0.01 -19.71 -17.35
C CYS B 67 -0.90 -20.79 -16.76
N VAL B 68 -2.14 -20.87 -17.24
CA VAL B 68 -3.11 -21.80 -16.67
C VAL B 68 -2.93 -23.23 -17.18
N CYS B 69 -2.76 -23.37 -18.50
CA CYS B 69 -2.73 -24.70 -19.11
C CYS B 69 -1.32 -25.14 -19.51
N ARG B 70 -0.33 -24.30 -19.23
CA ARG B 70 1.08 -24.61 -19.50
C ARG B 70 1.35 -24.91 -20.98
N SER B 71 0.51 -24.39 -21.86
CA SER B 71 0.62 -24.76 -23.27
C SER B 71 0.01 -23.72 -24.22
N GLU B 72 0.42 -23.81 -25.49
CA GLU B 72 -0.18 -23.02 -26.57
C GLU B 72 -1.20 -23.86 -27.31
N THR B 73 -2.10 -23.21 -28.04
CA THR B 73 -3.18 -23.94 -28.71
C THR B 73 -3.34 -23.56 -30.18
N VAL B 74 -4.20 -24.30 -30.88
CA VAL B 74 -4.48 -24.06 -32.28
C VAL B 74 -5.90 -23.55 -32.47
N VAL B 75 -6.82 -24.11 -31.68
CA VAL B 75 -8.26 -23.84 -31.80
C VAL B 75 -8.62 -22.36 -31.90
N PRO B 76 -9.32 -21.97 -32.98
CA PRO B 76 -9.78 -20.60 -33.18
C PRO B 76 -10.93 -20.23 -32.26
N GLY B 77 -11.07 -18.94 -31.97
CA GLY B 77 -12.14 -18.47 -31.11
C GLY B 77 -11.65 -18.06 -29.74
N ASN B 78 -10.59 -18.70 -29.28
CA ASN B 78 -10.02 -18.39 -27.97
C ASN B 78 -8.60 -17.83 -28.06
N ARG B 79 -8.49 -16.60 -28.54
CA ARG B 79 -7.20 -15.92 -28.63
C ARG B 79 -6.57 -15.77 -27.26
N LEU B 80 -5.28 -16.05 -27.16
CA LEU B 80 -4.55 -15.87 -25.91
C LEU B 80 -4.51 -14.39 -25.52
N VAL B 81 -5.29 -14.04 -24.52
CA VAL B 81 -5.42 -12.66 -24.09
C VAL B 81 -4.61 -12.41 -22.81
N SER B 82 -3.89 -11.29 -22.79
CA SER B 82 -3.09 -10.92 -21.62
C SER B 82 -3.77 -9.82 -20.81
N CYS B 83 -3.62 -9.90 -19.49
CA CYS B 83 -4.19 -8.92 -18.55
C CYS B 83 -3.45 -7.58 -18.64
N GLU B 84 -4.11 -6.52 -18.19
CA GLU B 84 -3.56 -5.17 -18.27
C GLU B 84 -2.67 -4.86 -17.07
N LYS B 85 -2.89 -5.59 -16.00
CA LYS B 85 -2.19 -5.32 -14.74
C LYS B 85 -1.06 -6.31 -14.52
N CYS B 86 -1.35 -7.59 -14.60
CA CYS B 86 -0.35 -8.61 -14.40
C CYS B 86 0.32 -9.18 -15.65
N ARG B 87 -0.15 -8.77 -16.81
CA ARG B 87 0.49 -9.14 -18.05
C ARG B 87 0.68 -10.63 -18.20
N HIS B 88 -0.28 -11.41 -17.75
CA HIS B 88 -0.19 -12.84 -17.92
C HIS B 88 -1.09 -13.24 -19.06
N ALA B 89 -0.78 -14.32 -19.72
CA ALA B 89 -1.46 -14.66 -20.94
C ALA B 89 -2.53 -15.66 -20.64
N TYR B 90 -3.74 -15.32 -20.99
CA TYR B 90 -4.76 -16.29 -20.64
C TYR B 90 -5.44 -16.91 -21.84
N HIS B 91 -5.60 -18.23 -21.80
CA HIS B 91 -6.54 -18.92 -22.67
C HIS B 91 -7.91 -18.31 -22.41
N GLN B 92 -8.66 -18.04 -23.47
CA GLN B 92 -9.97 -17.43 -23.31
C GLN B 92 -10.93 -18.34 -22.55
N ASP B 93 -10.65 -19.64 -22.58
CA ASP B 93 -11.53 -20.63 -21.96
C ASP B 93 -10.90 -21.38 -20.79
N CYS B 94 -9.66 -21.03 -20.45
CA CYS B 94 -9.06 -21.54 -19.22
C CYS B 94 -9.23 -20.51 -18.11
N HIS B 95 -9.88 -19.41 -18.46
CA HIS B 95 -10.13 -18.37 -17.49
C HIS B 95 -11.59 -18.33 -17.10
N VAL B 96 -11.87 -17.90 -15.88
CA VAL B 96 -13.24 -17.92 -15.39
C VAL B 96 -13.74 -16.53 -15.01
N PRO B 97 -14.97 -16.05 -15.48
CA PRO B 97 -15.69 -16.93 -16.40
C PRO B 97 -15.18 -17.04 -17.84
N ARG B 98 -15.01 -15.96 -18.60
CA ARG B 98 -14.40 -16.08 -19.91
C ARG B 98 -14.04 -14.72 -20.43
N ALA B 99 -12.92 -14.67 -21.10
CA ALA B 99 -12.31 -13.41 -21.47
C ALA B 99 -12.81 -12.83 -22.78
N PRO B 100 -12.99 -11.44 -22.74
CA PRO B 100 -13.15 -10.86 -24.08
C PRO B 100 -11.81 -10.95 -24.77
N ALA B 101 -11.78 -11.18 -26.07
CA ALA B 101 -10.54 -10.98 -26.79
C ALA B 101 -10.41 -9.48 -27.01
N PRO B 102 -9.17 -9.03 -27.50
CA PRO B 102 -9.05 -7.55 -27.49
C PRO B 102 -9.79 -6.87 -28.64
N SER B 109 -8.50 -3.51 -23.25
CA SER B 109 -8.13 -3.59 -21.83
C SER B 109 -8.93 -4.69 -21.12
N TRP B 110 -8.21 -5.66 -20.57
CA TRP B 110 -8.85 -6.75 -19.84
C TRP B 110 -8.11 -7.04 -18.54
N VAL B 111 -8.86 -7.18 -17.45
CA VAL B 111 -8.27 -7.49 -16.15
C VAL B 111 -8.71 -8.89 -15.71
N CYS B 112 -7.74 -9.74 -15.41
CA CYS B 112 -8.02 -11.12 -15.05
C CYS B 112 -8.68 -11.21 -13.68
N ARG B 113 -9.08 -12.43 -13.32
CA ARG B 113 -9.82 -12.68 -12.09
C ARG B 113 -9.04 -12.33 -10.83
N GLN B 114 -7.77 -12.70 -10.81
CA GLN B 114 -6.93 -12.51 -9.62
C GLN B 114 -6.66 -11.04 -9.33
N CYS B 115 -6.54 -10.24 -10.39
CA CYS B 115 -6.24 -8.82 -10.23
C CYS B 115 -7.49 -8.01 -9.91
N VAL B 116 -8.64 -8.46 -10.41
CA VAL B 116 -9.90 -7.84 -10.07
C VAL B 116 -10.13 -7.96 -8.56
N PHE B 117 -9.87 -9.14 -8.03
CA PHE B 117 -9.97 -9.39 -6.59
C PHE B 117 -8.93 -8.58 -5.83
N ALA B 118 -7.71 -8.54 -6.36
CA ALA B 118 -6.60 -7.83 -5.71
C ALA B 118 -6.92 -6.35 -5.54
N ILE B 119 -7.61 -5.78 -6.51
CA ILE B 119 -7.99 -4.37 -6.47
C ILE B 119 -9.23 -4.15 -5.59
N ALA B 120 -10.14 -5.13 -5.58
CA ALA B 120 -11.43 -4.96 -4.94
C ALA B 120 -11.50 -5.43 -3.48
N THR B 121 -10.78 -6.50 -3.15
CA THR B 121 -10.83 -7.06 -1.80
C THR B 121 -10.28 -6.09 -0.76
N LYS B 122 -10.82 -6.17 0.45
CA LYS B 122 -10.44 -5.28 1.54
C LYS B 122 -10.89 -5.87 2.88
N ARG B 123 -10.07 -5.67 3.92
CA ARG B 123 -10.42 -6.10 5.27
C ARG B 123 -11.72 -5.45 5.73
N GLY B 124 -12.67 -6.27 6.16
CA GLY B 124 -13.96 -5.77 6.62
C GLY B 124 -14.98 -5.74 5.50
N GLY B 125 -14.63 -6.35 4.38
CA GLY B 125 -15.54 -6.42 3.24
C GLY B 125 -14.98 -5.70 2.03
N ALA B 126 -15.20 -6.28 0.85
CA ALA B 126 -14.70 -5.71 -0.39
C ALA B 126 -15.53 -4.50 -0.81
N LEU B 127 -15.13 -3.88 -1.92
CA LEU B 127 -15.80 -2.69 -2.43
C LEU B 127 -17.24 -2.99 -2.85
N LYS B 128 -18.16 -2.10 -2.48
CA LYS B 128 -19.57 -2.27 -2.82
C LYS B 128 -19.94 -1.48 -4.07
N LYS B 129 -19.31 -0.33 -4.26
CA LYS B 129 -19.63 0.56 -5.38
C LYS B 129 -18.40 0.82 -6.23
N GLY B 130 -18.60 0.90 -7.55
CA GLY B 130 -17.51 1.19 -8.47
C GLY B 130 -17.37 0.15 -9.55
N PRO B 131 -16.57 0.45 -10.58
CA PRO B 131 -16.34 -0.45 -11.72
C PRO B 131 -15.78 -1.81 -11.31
N TYR B 132 -14.94 -1.82 -10.28
CA TYR B 132 -14.31 -3.06 -9.83
C TYR B 132 -15.22 -3.85 -8.90
N ALA B 133 -16.12 -3.15 -8.22
CA ALA B 133 -17.12 -3.80 -7.40
C ALA B 133 -18.06 -4.60 -8.29
N ARG B 134 -18.48 -4.00 -9.40
CA ARG B 134 -19.35 -4.66 -10.36
C ARG B 134 -18.59 -5.73 -11.12
N ALA B 135 -17.29 -5.51 -11.30
CA ALA B 135 -16.44 -6.47 -12.01
C ALA B 135 -16.30 -7.76 -11.20
N MET B 136 -16.00 -7.61 -9.92
CA MET B 136 -15.81 -8.77 -9.05
C MET B 136 -17.12 -9.53 -8.88
N LEU B 137 -18.23 -8.79 -8.81
CA LEU B 137 -19.55 -9.40 -8.69
C LEU B 137 -19.82 -10.30 -9.89
N GLY B 138 -19.36 -9.89 -11.07
CA GLY B 138 -19.47 -10.71 -12.26
C GLY B 138 -18.57 -11.91 -12.17
N MET B 139 -17.42 -11.74 -11.54
CA MET B 139 -16.47 -12.84 -11.33
C MET B 139 -17.00 -13.80 -10.27
N LYS B 140 -17.69 -13.26 -9.28
CA LYS B 140 -18.16 -14.05 -8.14
C LYS B 140 -19.36 -14.93 -8.49
N LEU B 141 -19.83 -14.84 -9.72
CA LEU B 141 -20.96 -15.66 -10.17
C LEU B 141 -20.51 -17.09 -10.46
N SER B 142 -19.20 -17.29 -10.57
CA SER B 142 -18.66 -18.61 -10.86
C SER B 142 -17.44 -18.92 -10.00
N LEU B 143 -17.18 -20.21 -9.78
CA LEU B 143 -16.03 -20.65 -9.00
C LEU B 143 -14.94 -21.19 -9.90
N PRO B 144 -13.68 -20.87 -9.59
CA PRO B 144 -12.52 -21.32 -10.37
C PRO B 144 -12.02 -22.71 -9.95
N TYR B 145 -12.87 -23.47 -9.25
CA TYR B 145 -12.49 -24.82 -8.83
C TYR B 145 -13.71 -25.74 -8.79
N GLY B 146 -13.44 -27.03 -8.71
CA GLY B 146 -14.51 -28.02 -8.65
C GLY B 146 -15.08 -28.13 -7.24
N LEU B 147 -16.20 -27.45 -7.01
CA LEU B 147 -16.84 -27.44 -5.71
C LEU B 147 -17.39 -28.80 -5.32
N LYS B 148 -18.00 -29.49 -6.27
CA LYS B 148 -18.60 -30.79 -6.02
C LYS B 148 -17.55 -31.84 -5.66
N GLY B 149 -16.33 -31.66 -6.20
CA GLY B 149 -15.27 -32.63 -5.99
C GLY B 149 -14.37 -32.32 -4.80
N LEU B 150 -14.86 -31.49 -3.89
CA LEU B 150 -14.07 -31.13 -2.71
C LEU B 150 -14.25 -32.15 -1.59
N ASP B 151 -13.16 -32.45 -0.89
CA ASP B 151 -13.19 -33.37 0.24
C ASP B 151 -13.28 -32.63 1.56
N TRP B 152 -14.37 -32.85 2.30
CA TRP B 152 -14.60 -32.16 3.56
C TRP B 152 -14.45 -33.10 4.75
N ASP B 153 -14.16 -32.54 5.92
CA ASP B 153 -14.18 -33.30 7.16
C ASP B 153 -15.62 -33.49 7.61
N ALA B 154 -15.80 -34.17 8.73
CA ALA B 154 -17.14 -34.49 9.24
C ALA B 154 -17.94 -33.23 9.56
N GLY B 155 -17.27 -32.23 10.13
CA GLY B 155 -17.93 -31.00 10.50
C GLY B 155 -18.13 -30.06 9.33
N HIS B 156 -17.64 -30.46 8.17
CA HIS B 156 -17.69 -29.64 6.96
C HIS B 156 -17.06 -28.27 7.22
N LEU B 157 -15.92 -28.28 7.88
CA LEU B 157 -15.24 -27.05 8.27
C LEU B 157 -13.98 -26.81 7.44
N SER B 158 -13.35 -27.90 7.00
CA SER B 158 -12.08 -27.81 6.31
C SER B 158 -12.03 -28.60 5.01
N ASN B 159 -11.12 -28.20 4.13
CA ASN B 159 -10.84 -28.90 2.89
C ASN B 159 -9.55 -29.70 2.99
N ARG B 160 -9.38 -30.68 2.11
CA ARG B 160 -8.09 -31.33 1.96
C ARG B 160 -7.29 -30.55 0.91
N GLN B 161 -8.01 -29.91 0.00
CA GLN B 161 -7.40 -29.12 -1.06
C GLN B 161 -7.15 -27.69 -0.61
N GLN B 162 -7.69 -27.35 0.56
CA GLN B 162 -7.62 -25.99 1.12
C GLN B 162 -8.18 -24.95 0.16
N SER B 163 -9.25 -25.31 -0.55
CA SER B 163 -9.89 -24.40 -1.50
C SER B 163 -11.20 -23.86 -0.94
N TYR B 164 -11.29 -22.54 -0.81
CA TYR B 164 -12.47 -21.91 -0.27
C TYR B 164 -12.86 -20.66 -1.06
N CYS B 165 -14.04 -20.13 -0.76
CA CYS B 165 -14.45 -18.81 -1.22
C CYS B 165 -14.57 -18.71 -2.75
N TYR B 166 -14.76 -17.48 -3.23
CA TYR B 166 -14.83 -17.23 -4.67
C TYR B 166 -13.43 -17.25 -5.29
N CYS B 167 -12.42 -16.94 -4.48
CA CYS B 167 -11.06 -16.81 -4.95
C CYS B 167 -10.38 -18.16 -5.16
N GLY B 168 -10.69 -19.11 -4.31
CA GLY B 168 -10.09 -20.43 -4.38
C GLY B 168 -8.86 -20.57 -3.50
N GLY B 169 -8.67 -19.61 -2.61
CA GLY B 169 -7.53 -19.61 -1.72
C GLY B 169 -7.77 -20.34 -0.41
N PRO B 170 -6.78 -20.33 0.48
CA PRO B 170 -6.86 -20.99 1.78
C PRO B 170 -7.68 -20.16 2.76
N GLY B 171 -7.98 -20.74 3.93
CA GLY B 171 -8.76 -20.03 4.93
C GLY B 171 -9.19 -20.90 6.09
N GLU B 172 -9.36 -20.27 7.25
CA GLU B 172 -9.85 -20.96 8.43
C GLU B 172 -11.24 -20.45 8.76
N TRP B 173 -12.19 -21.38 8.88
CA TRP B 173 -13.60 -21.05 9.02
C TRP B 173 -13.88 -20.15 10.21
N ASN B 174 -13.09 -20.31 11.27
CA ASN B 174 -13.30 -19.57 12.50
C ASN B 174 -12.64 -18.19 12.50
N LEU B 175 -11.84 -17.93 11.46
CA LEU B 175 -11.14 -16.66 11.36
C LEU B 175 -11.72 -15.77 10.28
N LYS B 176 -12.80 -15.07 10.61
CA LYS B 176 -13.46 -14.12 9.73
C LYS B 176 -13.91 -14.71 8.40
N MET B 177 -14.69 -15.79 8.47
CA MET B 177 -15.29 -16.39 7.29
C MET B 177 -16.78 -16.68 7.51
N LEU B 178 -17.55 -16.63 6.43
CA LEU B 178 -18.98 -16.93 6.48
C LEU B 178 -19.30 -18.16 5.65
N GLN B 179 -20.24 -18.97 6.15
CA GLN B 179 -20.64 -20.18 5.43
C GLN B 179 -21.98 -19.99 4.74
N CYS B 180 -22.03 -20.30 3.45
CA CYS B 180 -23.26 -20.22 2.67
C CYS B 180 -24.23 -21.32 3.12
N ARG B 181 -25.47 -20.94 3.42
CA ARG B 181 -26.47 -21.90 3.89
C ARG B 181 -26.84 -22.92 2.82
N SER B 182 -26.65 -22.54 1.56
CA SER B 182 -27.06 -23.39 0.44
C SER B 182 -25.98 -24.38 0.01
N CYS B 183 -24.76 -23.89 -0.23
CA CYS B 183 -23.69 -24.75 -0.74
C CYS B 183 -22.68 -25.14 0.34
N LEU B 184 -22.80 -24.54 1.51
CA LEU B 184 -21.99 -24.88 2.69
C LEU B 184 -20.49 -24.55 2.53
N GLN B 185 -20.15 -23.84 1.46
CA GLN B 185 -18.77 -23.40 1.27
C GLN B 185 -18.47 -22.18 2.15
N TRP B 186 -17.23 -22.04 2.58
CA TRP B 186 -16.82 -20.91 3.41
C TRP B 186 -16.25 -19.79 2.54
N PHE B 187 -16.51 -18.54 2.94
CA PHE B 187 -16.10 -17.39 2.15
C PHE B 187 -15.38 -16.34 3.01
N HIS B 188 -14.31 -15.79 2.48
CA HIS B 188 -13.52 -14.78 3.20
C HIS B 188 -14.33 -13.51 3.43
N GLU B 189 -14.04 -12.83 4.54
CA GLU B 189 -14.68 -11.55 4.84
C GLU B 189 -14.28 -10.50 3.80
N ALA B 190 -13.03 -10.57 3.35
CA ALA B 190 -12.50 -9.59 2.42
C ALA B 190 -13.04 -9.77 1.00
N CYS B 191 -13.70 -10.91 0.76
CA CYS B 191 -14.21 -11.21 -0.57
C CYS B 191 -15.73 -11.01 -0.68
N THR B 192 -16.37 -10.65 0.43
CA THR B 192 -17.81 -10.42 0.44
C THR B 192 -18.16 -8.94 0.26
N GLN B 193 -19.38 -8.67 -0.19
CA GLN B 193 -19.83 -7.31 -0.40
C GLN B 193 -21.21 -7.07 0.20
N CYS B 194 -21.52 -7.77 1.29
CA CYS B 194 -22.86 -7.70 1.87
C CYS B 194 -22.85 -7.27 3.33
N LEU B 195 -21.68 -7.28 3.95
CA LEU B 195 -21.57 -6.98 5.38
C LEU B 195 -21.63 -5.49 5.68
N SER B 196 -22.24 -5.16 6.81
CA SER B 196 -22.34 -3.78 7.26
C SER B 196 -21.42 -3.53 8.45
N LYS B 197 -21.04 -4.61 9.12
CA LYS B 197 -20.13 -4.53 10.25
C LYS B 197 -19.01 -5.57 10.10
N PRO B 198 -17.83 -5.28 10.65
CA PRO B 198 -16.72 -6.24 10.62
C PRO B 198 -17.05 -7.52 11.39
N LEU B 199 -16.56 -8.65 10.89
CA LEU B 199 -16.77 -9.93 11.53
C LEU B 199 -15.88 -10.13 12.75
N LEU B 200 -16.46 -10.64 13.83
CA LEU B 200 -15.65 -11.10 14.96
C LEU B 200 -15.21 -12.52 14.69
N TYR B 201 -14.11 -12.93 15.31
CA TYR B 201 -13.61 -14.28 15.13
C TYR B 201 -14.57 -15.31 15.73
N GLY B 202 -14.89 -16.34 14.96
CA GLY B 202 -15.74 -17.42 15.43
C GLY B 202 -17.22 -17.11 15.38
N ASP B 203 -17.59 -16.01 14.76
CA ASP B 203 -18.99 -15.61 14.66
C ASP B 203 -19.70 -16.39 13.55
N ARG B 204 -20.53 -17.35 13.95
CA ARG B 204 -21.29 -18.15 12.99
C ARG B 204 -22.77 -17.80 13.02
N PHE B 205 -23.14 -16.83 13.85
CA PHE B 205 -24.53 -16.43 14.00
C PHE B 205 -25.02 -15.62 12.80
N TYR B 206 -24.88 -16.21 11.60
CA TYR B 206 -25.33 -15.56 10.37
C TYR B 206 -26.10 -16.55 9.50
N GLU B 207 -26.98 -16.01 8.67
CA GLU B 207 -27.60 -16.79 7.61
C GLU B 207 -27.16 -16.18 6.28
N PHE B 208 -26.15 -16.80 5.67
CA PHE B 208 -25.48 -16.23 4.51
C PHE B 208 -25.72 -17.04 3.24
N GLU B 209 -25.86 -16.35 2.11
CA GLU B 209 -26.01 -17.00 0.82
C GLU B 209 -25.10 -16.33 -0.21
N CYS B 210 -24.22 -17.11 -0.83
CA CYS B 210 -23.23 -16.58 -1.75
C CYS B 210 -23.82 -16.10 -3.08
N CYS B 211 -22.96 -15.56 -3.93
CA CYS B 211 -23.38 -15.04 -5.23
C CYS B 211 -23.67 -16.14 -6.24
N VAL B 212 -22.93 -17.24 -6.14
CA VAL B 212 -23.08 -18.35 -7.08
C VAL B 212 -24.47 -18.98 -6.97
N CYS B 213 -24.86 -19.35 -5.74
CA CYS B 213 -26.15 -19.98 -5.50
C CYS B 213 -27.30 -19.01 -5.78
N ARG B 214 -27.01 -17.72 -5.67
CA ARG B 214 -28.04 -16.70 -5.79
C ARG B 214 -28.13 -16.14 -7.21
N GLY B 215 -27.03 -16.26 -7.96
CA GLY B 215 -26.97 -15.73 -9.31
C GLY B 215 -27.03 -14.21 -9.31
N GLY B 216 -26.56 -13.62 -8.21
CA GLY B 216 -26.57 -12.18 -8.04
C GLY B 216 -25.93 -11.80 -6.73
N PRO B 217 -26.22 -10.60 -6.22
CA PRO B 217 -25.65 -10.12 -4.96
C PRO B 217 -25.94 -11.06 -3.79
N GLU B 218 -24.99 -11.14 -2.86
CA GLU B 218 -25.15 -11.97 -1.67
C GLU B 218 -26.29 -11.48 -0.80
N LYS B 219 -26.84 -12.38 0.00
CA LYS B 219 -27.83 -12.02 1.01
C LYS B 219 -27.40 -12.54 2.36
N VAL B 220 -27.46 -11.69 3.38
CA VAL B 220 -27.05 -12.08 4.72
C VAL B 220 -28.05 -11.60 5.76
N ARG B 221 -28.33 -12.45 6.74
CA ARG B 221 -29.23 -12.09 7.83
C ARG B 221 -28.59 -12.44 9.17
N ARG B 222 -28.50 -11.44 10.05
CA ARG B 222 -27.92 -11.62 11.37
C ARG B 222 -28.87 -12.36 12.30
N LEU B 223 -28.40 -13.44 12.90
CA LEU B 223 -29.21 -14.21 13.84
C LEU B 223 -29.29 -13.52 15.20
N GLN B 224 -30.36 -13.78 15.93
CA GLN B 224 -30.54 -13.21 17.26
C GLN B 224 -29.73 -13.98 18.29
N LEU B 225 -28.76 -13.31 18.92
CA LEU B 225 -27.94 -13.93 19.94
C LEU B 225 -28.61 -13.90 21.31
N ARG B 226 -28.31 -14.91 22.12
CA ARG B 226 -28.68 -14.90 23.53
C ARG B 226 -27.51 -14.32 24.33
N TRP B 227 -27.72 -14.13 25.63
CA TRP B 227 -26.67 -13.56 26.47
C TRP B 227 -25.47 -14.49 26.61
N VAL B 228 -25.73 -15.79 26.64
CA VAL B 228 -24.66 -16.76 26.72
C VAL B 228 -23.84 -16.77 25.43
N ASP B 229 -24.49 -16.43 24.32
CA ASP B 229 -23.82 -16.34 23.03
C ASP B 229 -22.90 -15.12 22.97
N VAL B 230 -23.40 -14.00 23.48
CA VAL B 230 -22.64 -12.76 23.52
C VAL B 230 -21.38 -12.93 24.34
N ALA B 231 -21.51 -13.56 25.50
CA ALA B 231 -20.38 -13.78 26.39
C ALA B 231 -19.35 -14.70 25.77
N HIS B 232 -19.82 -15.72 25.05
CA HIS B 232 -18.93 -16.71 24.45
C HIS B 232 -18.20 -16.13 23.25
N LEU B 233 -18.93 -15.42 22.39
CA LEU B 233 -18.35 -14.83 21.19
C LEU B 233 -17.31 -13.77 21.54
N VAL B 234 -17.64 -12.92 22.49
CA VAL B 234 -16.73 -11.86 22.93
C VAL B 234 -15.47 -12.46 23.56
N LEU B 235 -15.65 -13.47 24.41
CA LEU B 235 -14.52 -14.13 25.06
C LEU B 235 -13.63 -14.84 24.05
N TYR B 236 -14.23 -15.47 23.06
CA TYR B 236 -13.47 -16.15 22.03
C TYR B 236 -12.74 -15.15 21.14
N HIS B 237 -13.42 -14.07 20.79
CA HIS B 237 -12.83 -13.03 19.96
C HIS B 237 -11.64 -12.38 20.66
N LEU B 238 -11.80 -12.10 21.94
CA LEU B 238 -10.72 -11.54 22.74
C LEU B 238 -9.56 -12.52 22.88
N SER B 239 -9.89 -13.80 23.03
CA SER B 239 -8.88 -14.84 23.19
C SER B 239 -8.00 -14.97 21.95
N VAL B 240 -8.61 -14.87 20.78
CA VAL B 240 -7.87 -14.95 19.53
C VAL B 240 -7.02 -13.70 19.32
N CYS B 241 -7.60 -12.54 19.62
CA CYS B 241 -6.92 -11.26 19.43
C CYS B 241 -5.75 -11.07 20.40
N CYS B 242 -6.01 -11.27 21.68
CA CYS B 242 -5.02 -10.95 22.72
C CYS B 242 -4.11 -12.12 23.06
N LYS B 243 -4.41 -13.28 22.49
CA LYS B 243 -3.63 -14.49 22.68
C LYS B 243 -3.39 -14.84 24.16
N LYS B 244 -4.44 -14.69 24.97
CA LYS B 244 -4.40 -15.15 26.36
C LYS B 244 -5.75 -15.73 26.75
N LYS B 245 -5.82 -16.33 27.93
CA LYS B 245 -7.02 -17.08 28.32
C LYS B 245 -7.99 -16.30 29.21
N TYR B 246 -7.47 -15.68 30.26
CA TYR B 246 -8.33 -15.03 31.24
C TYR B 246 -8.46 -13.52 31.03
N PHE B 247 -9.70 -13.06 31.00
CA PHE B 247 -9.98 -11.63 30.80
C PHE B 247 -10.80 -11.07 31.96
N ASP B 248 -10.38 -9.91 32.46
CA ASP B 248 -11.11 -9.24 33.52
C ASP B 248 -12.44 -8.72 33.00
N PHE B 249 -13.51 -8.96 33.74
CA PHE B 249 -14.84 -8.56 33.30
C PHE B 249 -14.98 -7.04 33.23
N ASP B 250 -14.55 -6.35 34.27
CA ASP B 250 -14.73 -4.91 34.37
C ASP B 250 -13.68 -4.12 33.61
N ARG B 251 -12.50 -4.71 33.44
CA ARG B 251 -11.38 -4.01 32.82
C ARG B 251 -11.21 -4.37 31.35
N GLU B 252 -11.75 -5.51 30.92
CA GLU B 252 -11.55 -5.98 29.56
C GLU B 252 -12.84 -6.39 28.86
N ILE B 253 -13.57 -7.35 29.44
CA ILE B 253 -14.72 -7.96 28.78
C ILE B 253 -15.86 -6.96 28.54
N LEU B 254 -16.28 -6.27 29.60
CA LEU B 254 -17.37 -5.31 29.49
C LEU B 254 -17.00 -4.05 28.69
N PRO B 255 -15.81 -3.47 28.91
CA PRO B 255 -15.45 -2.31 28.07
C PRO B 255 -15.46 -2.62 26.58
N PHE B 256 -14.95 -3.77 26.19
CA PHE B 256 -14.96 -4.18 24.80
C PHE B 256 -16.39 -4.28 24.29
N THR B 257 -17.25 -4.90 25.10
CA THR B 257 -18.65 -5.08 24.75
C THR B 257 -19.36 -3.74 24.60
N SER B 258 -18.98 -2.78 25.45
CA SER B 258 -19.58 -1.45 25.40
C SER B 258 -19.05 -0.62 24.24
N GLU B 259 -17.74 -0.66 24.02
CA GLU B 259 -17.12 0.13 22.96
C GLU B 259 -17.53 -0.35 21.57
N ASN B 260 -17.75 -1.65 21.43
CA ASN B 260 -18.10 -2.22 20.13
C ASN B 260 -19.52 -2.77 20.10
N TRP B 261 -20.39 -2.22 20.95
CA TRP B 261 -21.75 -2.71 21.09
C TRP B 261 -22.55 -2.62 19.79
N ASP B 262 -22.31 -1.56 19.05
CA ASP B 262 -23.04 -1.32 17.80
C ASP B 262 -22.64 -2.32 16.73
N SER B 263 -21.36 -2.69 16.71
CA SER B 263 -20.83 -3.58 15.69
C SER B 263 -21.25 -5.04 15.91
N LEU B 264 -21.70 -5.36 17.12
CA LEU B 264 -22.06 -6.73 17.46
C LEU B 264 -23.38 -7.19 16.84
N LEU B 265 -24.20 -6.23 16.44
CA LEU B 265 -25.51 -6.52 15.83
C LEU B 265 -26.33 -7.48 16.67
N LEU B 266 -26.63 -7.07 17.91
CA LEU B 266 -27.25 -7.96 18.89
C LEU B 266 -28.77 -7.90 18.89
N GLY B 267 -29.35 -7.25 17.88
CA GLY B 267 -30.79 -7.22 17.70
C GLY B 267 -31.57 -6.64 18.87
N GLU B 268 -32.38 -7.48 19.50
CA GLU B 268 -33.29 -7.03 20.55
C GLU B 268 -32.55 -6.70 21.86
N LEU B 269 -31.36 -7.26 22.01
CA LEU B 269 -30.58 -7.02 23.22
C LEU B 269 -29.97 -5.62 23.23
N SER B 270 -30.07 -4.92 22.10
CA SER B 270 -29.52 -3.57 21.96
C SER B 270 -30.12 -2.60 22.95
N ASP B 271 -31.45 -2.63 23.07
CA ASP B 271 -32.14 -1.76 24.02
C ASP B 271 -32.17 -2.39 25.42
N THR B 272 -30.98 -2.56 26.00
CA THR B 272 -30.85 -3.04 27.36
C THR B 272 -29.98 -2.07 28.14
N PRO B 273 -30.46 -1.64 29.32
CA PRO B 273 -29.68 -0.74 30.18
C PRO B 273 -28.29 -1.30 30.45
N LYS B 274 -27.26 -0.45 30.38
CA LYS B 274 -25.88 -0.88 30.55
C LYS B 274 -25.68 -1.53 31.92
N GLY B 275 -26.49 -1.11 32.89
CA GLY B 275 -26.47 -1.70 34.21
C GLY B 275 -26.91 -3.15 34.17
N GLU B 276 -27.93 -3.44 33.35
CA GLU B 276 -28.43 -4.80 33.23
C GLU B 276 -27.58 -5.63 32.27
N ARG B 277 -26.93 -4.95 31.32
CA ARG B 277 -25.97 -5.62 30.45
C ARG B 277 -24.93 -6.34 31.28
N SER B 278 -24.33 -5.58 32.19
CA SER B 278 -23.31 -6.11 33.08
C SER B 278 -23.83 -7.29 33.88
N SER B 279 -25.05 -7.16 34.41
CA SER B 279 -25.67 -8.21 35.20
C SER B 279 -25.95 -9.45 34.37
N GLN B 280 -26.61 -9.27 33.23
CA GLN B 280 -26.94 -10.41 32.36
C GLN B 280 -25.68 -11.15 31.88
N LEU B 281 -24.64 -10.39 31.55
CA LEU B 281 -23.40 -10.98 31.06
C LEU B 281 -22.63 -11.68 32.18
N LEU B 282 -22.50 -11.03 33.32
CA LEU B 282 -21.81 -11.60 34.46
C LEU B 282 -22.54 -12.85 34.97
N SER B 283 -23.86 -12.86 34.82
CA SER B 283 -24.69 -13.99 35.25
C SER B 283 -24.44 -15.21 34.35
N ALA B 284 -24.35 -14.97 33.05
CA ALA B 284 -24.12 -16.05 32.09
C ALA B 284 -22.72 -16.64 32.26
N LEU B 285 -21.77 -15.78 32.61
CA LEU B 285 -20.39 -16.21 32.80
C LEU B 285 -20.23 -17.11 34.01
N ASN B 286 -21.01 -16.84 35.05
CA ASN B 286 -20.97 -17.63 36.27
C ASN B 286 -21.82 -18.89 36.19
N SER B 287 -22.91 -18.81 35.45
CA SER B 287 -23.85 -19.93 35.34
C SER B 287 -23.28 -21.06 34.49
N HIS B 288 -22.97 -20.74 33.23
CA HIS B 288 -22.50 -21.74 32.29
C HIS B 288 -21.05 -22.13 32.55
N LYS B 289 -20.85 -23.07 33.46
CA LYS B 289 -19.50 -23.51 33.81
C LYS B 289 -19.01 -24.59 32.85
N ASP B 290 -19.85 -24.92 31.87
CA ASP B 290 -19.44 -25.82 30.80
C ASP B 290 -18.69 -25.05 29.72
N ARG B 291 -18.95 -23.74 29.65
CA ARG B 291 -18.30 -22.88 28.68
C ARG B 291 -17.20 -22.03 29.29
N PHE B 292 -17.44 -21.53 30.49
CA PHE B 292 -16.56 -20.54 31.09
C PHE B 292 -15.87 -21.01 32.36
N ILE B 293 -14.68 -20.49 32.61
CA ILE B 293 -13.94 -20.76 33.83
C ILE B 293 -13.65 -19.45 34.56
N SER B 294 -14.13 -19.34 35.79
CA SER B 294 -13.89 -18.15 36.59
C SER B 294 -12.46 -18.12 37.11
N GLY B 295 -12.07 -17.00 37.70
CA GLY B 295 -10.73 -16.84 38.23
C GLY B 295 -10.49 -17.66 39.50
N ARG B 296 -11.54 -18.32 39.99
CA ARG B 296 -11.44 -19.15 41.18
C ARG B 296 -10.54 -20.36 40.94
N GLU B 297 -10.63 -20.93 39.74
CA GLU B 297 -9.92 -22.16 39.40
C GLU B 297 -8.41 -22.00 39.36
N ILE B 298 -7.93 -20.76 39.24
CA ILE B 298 -6.50 -20.51 39.20
C ILE B 298 -6.07 -19.49 40.24
N LYS B 299 -6.86 -19.39 41.31
CA LYS B 299 -6.53 -18.58 42.48
C LYS B 299 -6.32 -17.10 42.14
N LYS B 300 -7.18 -16.59 41.26
CA LYS B 300 -7.24 -15.17 40.97
C LYS B 300 -8.64 -14.66 41.33
N ARG B 301 -8.92 -13.39 41.01
CA ARG B 301 -10.22 -12.81 41.32
C ARG B 301 -11.33 -13.42 40.46
N LYS B 302 -12.51 -13.57 41.06
CA LYS B 302 -13.63 -14.24 40.42
C LYS B 302 -14.19 -13.48 39.21
N CYS B 303 -13.85 -12.20 39.09
CA CYS B 303 -14.32 -11.39 37.98
C CYS B 303 -13.51 -11.69 36.71
N LEU B 304 -12.47 -12.51 36.85
CA LEU B 304 -11.71 -12.98 35.71
C LEU B 304 -12.37 -14.20 35.08
N PHE B 305 -12.53 -14.17 33.76
CA PHE B 305 -13.16 -15.28 33.04
C PHE B 305 -12.36 -15.69 31.82
N GLY B 306 -12.39 -17.00 31.54
CA GLY B 306 -11.76 -17.54 30.36
C GLY B 306 -12.56 -18.71 29.83
N LEU B 307 -12.39 -19.03 28.55
CA LEU B 307 -13.08 -20.16 27.95
C LEU B 307 -12.52 -21.48 28.46
N HIS B 308 -13.40 -22.45 28.67
CA HIS B 308 -12.98 -23.79 29.07
C HIS B 308 -12.19 -24.41 27.93
N ALA B 309 -12.76 -24.37 26.74
CA ALA B 309 -12.09 -24.83 25.54
C ALA B 309 -12.01 -23.67 24.54
N ARG B 310 -10.84 -23.46 23.95
CA ARG B 310 -10.65 -22.36 23.02
C ARG B 310 -11.36 -22.62 21.70
N THR B 311 -12.69 -22.66 21.77
CA THR B 311 -13.51 -22.99 20.61
C THR B 311 -14.60 -21.94 20.40
N PRO B 312 -14.95 -21.67 19.14
CA PRO B 312 -16.00 -20.70 18.82
C PRO B 312 -17.35 -21.09 19.43
N PRO B 313 -18.20 -20.10 19.72
CA PRO B 313 -19.54 -20.38 20.26
C PRO B 313 -20.40 -21.14 19.27
N PRO B 314 -21.05 -22.23 19.72
CA PRO B 314 -21.87 -23.06 18.85
C PRO B 314 -23.24 -22.46 18.55
N VAL B 315 -23.75 -22.70 17.35
CA VAL B 315 -25.09 -22.28 16.98
C VAL B 315 -26.09 -23.34 17.44
N GLU B 316 -27.25 -22.90 17.91
CA GLU B 316 -28.30 -23.81 18.39
C GLU B 316 -28.70 -24.82 17.32
N VAL E 7 1.34 31.80 -7.55
CA VAL E 7 0.69 31.80 -6.25
C VAL E 7 0.67 30.38 -5.67
N LYS E 9 2.23 27.19 -4.17
CA LYS E 9 3.33 26.99 -3.22
C LYS E 9 3.05 25.80 -2.31
N PRO E 10 4.12 25.17 -1.78
CA PRO E 10 3.99 24.04 -0.86
C PRO E 10 3.21 24.39 0.41
N HIS E 11 2.32 23.49 0.83
CA HIS E 11 1.54 23.71 2.06
C HIS E 11 2.45 23.58 3.28
N ARG E 12 2.34 24.54 4.19
CA ARG E 12 3.17 24.56 5.38
C ARG E 12 2.34 24.80 6.62
N TYR E 13 2.60 24.00 7.66
CA TYR E 13 1.90 24.16 8.94
C TYR E 13 2.59 25.20 9.82
N VAL F 7 6.45 -4.87 8.10
CA VAL F 7 5.01 -4.97 8.29
C VAL F 7 4.32 -5.41 7.00
N LYS F 9 1.64 -5.91 4.09
CA LYS F 9 0.69 -5.05 3.38
C LYS F 9 0.04 -5.79 2.22
N PRO F 10 -1.31 -5.85 2.23
CA PRO F 10 -2.07 -6.46 1.13
C PRO F 10 -1.72 -5.83 -0.21
N HIS F 11 -1.47 -6.66 -1.21
CA HIS F 11 -0.98 -6.17 -2.49
C HIS F 11 -2.10 -5.79 -3.46
N ARG F 12 -2.12 -4.51 -3.84
CA ARG F 12 -3.01 -4.02 -4.88
C ARG F 12 -2.16 -3.45 -6.02
N TYR F 13 -2.71 -3.45 -7.23
CA TYR F 13 -2.01 -2.88 -8.37
C TYR F 13 -2.43 -1.43 -8.61
#